data_2XIU
#
_entry.id   2XIU
#
_cell.length_a   63.353
_cell.length_b   63.353
_cell.length_c   40.972
_cell.angle_alpha   90.00
_cell.angle_beta   90.00
_cell.angle_gamma   90.00
#
_symmetry.space_group_name_H-M   'P 41'
#
loop_
_entity.id
_entity.type
_entity.pdbx_description
1 polymer CYLR2
2 non-polymer 'S-[(1-oxyl-2,2,5,5-tetramethyl-2,5-dihydro-1H-pyrrol-3-yl)methyl] methanesulfonothioate'
3 non-polymer GLYCEROL
4 water water
#
_entity_poly.entity_id   1
_entity_poly.type   'polypeptide(L)'
_entity_poly.pdbx_seq_one_letter_code
;MIINNLKLIREKKKISQSELAALLEVSRQTINGIEKNKYNPSLQLALKIAYYLNCPLEDIFQWQPE
;
_entity_poly.pdbx_strand_id   A,B
#
loop_
_chem_comp.id
_chem_comp.type
_chem_comp.name
_chem_comp.formula
GOL non-polymer GLYCEROL 'C3 H8 O3'
MTN non-polymer 'S-[(1-oxyl-2,2,5,5-tetramethyl-2,5-dihydro-1H-pyrrol-3-yl)methyl] methanesulfonothioate' 'C10 H18 N O3 S2'
#
# COMPACT_ATOMS: atom_id res chain seq x y z
N MET A 1 -11.45 5.76 -0.71
CA MET A 1 -10.74 6.65 -1.60
CA MET A 1 -10.77 6.72 -1.55
C MET A 1 -9.32 6.88 -1.08
N ILE A 2 -8.40 6.85 -2.03
CA ILE A 2 -7.02 7.15 -1.82
C ILE A 2 -6.66 8.43 -2.56
N ILE A 3 -6.06 9.37 -1.83
CA ILE A 3 -5.43 10.53 -2.44
C ILE A 3 -3.95 10.27 -2.64
N ASN A 4 -3.41 10.56 -3.80
CA ASN A 4 -1.96 10.32 -3.99
C ASN A 4 -1.24 11.61 -4.34
N ASN A 5 0.03 11.64 -3.97
CA ASN A 5 0.95 12.73 -4.23
C ASN A 5 2.07 12.32 -5.17
N LEU A 6 1.84 11.33 -6.02
CA LEU A 6 2.94 10.86 -6.84
C LEU A 6 3.46 11.91 -7.81
N LYS A 7 2.57 12.66 -8.48
CA LYS A 7 3.10 13.62 -9.46
CA LYS A 7 3.04 13.66 -9.44
C LYS A 7 3.99 14.65 -8.76
N LEU A 8 3.49 15.17 -7.62
CA LEU A 8 4.22 16.21 -6.92
C LEU A 8 5.62 15.75 -6.49
N ILE A 9 5.63 14.55 -5.90
CA ILE A 9 6.91 14.03 -5.39
C ILE A 9 7.86 13.71 -6.55
N ARG A 10 7.34 13.05 -7.59
CA ARG A 10 8.13 12.69 -8.76
C ARG A 10 8.77 13.93 -9.38
N GLU A 11 7.95 14.97 -9.55
CA GLU A 11 8.33 16.25 -10.12
CA GLU A 11 8.48 16.16 -10.23
C GLU A 11 9.44 16.92 -9.32
N LYS A 12 9.21 16.97 -8.00
CA LYS A 12 10.15 17.64 -7.12
CA LYS A 12 10.14 17.62 -7.09
C LYS A 12 11.52 16.97 -7.17
N LYS A 13 11.53 15.66 -7.33
CA LYS A 13 12.75 14.88 -7.43
C LYS A 13 13.38 14.92 -8.82
N LYS A 14 12.76 15.59 -9.75
CA LYS A 14 13.17 15.80 -11.13
C LYS A 14 13.23 14.51 -11.95
N ILE A 15 12.29 13.64 -11.66
CA ILE A 15 12.18 12.34 -12.30
C ILE A 15 11.08 12.42 -13.33
N SER A 16 11.38 12.06 -14.59
CA SER A 16 10.27 12.15 -15.56
C SER A 16 9.41 10.89 -15.50
N GLN A 17 8.27 10.90 -16.17
CA GLN A 17 7.42 9.73 -16.10
C GLN A 17 8.10 8.52 -16.71
N SER A 18 8.76 8.70 -17.86
CA SER A 18 9.43 7.56 -18.51
C SER A 18 10.57 7.00 -17.69
N GLU A 19 11.26 7.81 -16.93
CA GLU A 19 12.37 7.55 -16.04
C GLU A 19 11.85 6.66 -14.90
N LEU A 20 10.77 7.13 -14.29
CA LEU A 20 10.16 6.33 -13.22
C LEU A 20 9.64 4.98 -13.72
N ALA A 21 8.99 5.00 -14.87
CA ALA A 21 8.48 3.81 -15.50
C ALA A 21 9.59 2.77 -15.75
N ALA A 22 10.75 3.25 -16.24
CA ALA A 22 11.87 2.37 -16.53
C ALA A 22 12.34 1.70 -15.24
N LEU A 23 12.45 2.52 -14.19
CA LEU A 23 12.98 2.05 -12.93
C LEU A 23 12.09 0.99 -12.33
N LEU A 24 10.78 1.21 -12.40
CA LEU A 24 9.78 0.32 -11.81
C LEU A 24 9.37 -0.81 -12.74
N GLU A 25 9.84 -0.81 -13.98
CA GLU A 25 9.46 -1.82 -14.95
C GLU A 25 7.96 -1.87 -15.19
N VAL A 26 7.36 -0.70 -15.35
CA VAL A 26 5.99 -0.55 -15.81
C VAL A 26 5.99 0.46 -16.94
N SER A 27 4.80 0.60 -17.54
CA SER A 27 4.73 1.57 -18.64
C SER A 27 4.52 2.99 -18.13
N ARG A 28 4.89 3.91 -19.00
CA ARG A 28 4.64 5.33 -18.71
C ARG A 28 3.15 5.55 -18.53
N GLN A 29 2.33 4.87 -19.32
CA GLN A 29 0.87 5.03 -19.21
C GLN A 29 0.40 4.68 -17.81
N THR A 30 1.01 3.65 -17.20
CA THR A 30 0.67 3.26 -15.84
C THR A 30 0.97 4.37 -14.84
N ILE A 31 2.16 4.95 -14.93
CA ILE A 31 2.53 6.05 -14.06
C ILE A 31 1.57 7.22 -14.28
N ASN A 32 1.31 7.57 -15.54
CA ASN A 32 0.42 8.69 -15.82
C ASN A 32 -1.00 8.45 -15.31
N GLY A 33 -1.47 7.19 -15.43
CA GLY A 33 -2.82 6.94 -14.97
C GLY A 33 -2.95 7.08 -13.47
N ILE A 34 -1.91 6.71 -12.72
CA ILE A 34 -1.97 6.87 -11.28
C ILE A 34 -2.06 8.36 -10.94
N GLU A 35 -1.22 9.15 -11.61
CA GLU A 35 -1.15 10.60 -11.39
C GLU A 35 -2.41 11.33 -11.84
N LYS A 36 -3.13 10.83 -12.81
CA LYS A 36 -4.39 11.42 -13.25
C LYS A 36 -5.57 10.74 -12.52
N ASN A 37 -5.29 9.88 -11.56
CA ASN A 37 -6.31 9.32 -10.70
C ASN A 37 -7.29 8.47 -11.47
N LYS A 38 -6.75 7.81 -12.49
CA LYS A 38 -7.62 6.89 -13.22
C LYS A 38 -7.57 5.52 -12.62
N TYR A 39 -6.31 5.18 -12.34
N TYR A 39 -6.55 5.20 -11.80
CA TYR A 39 -5.72 3.87 -12.26
CA TYR A 39 -6.77 4.07 -10.90
C TYR A 39 -5.22 3.61 -10.83
C TYR A 39 -5.73 4.06 -9.79
N ASN A 40 -5.54 2.42 -10.37
N ASN A 40 -5.85 3.19 -8.80
CA ASN A 40 -5.21 1.96 -9.02
CA ASN A 40 -4.83 2.97 -7.80
C ASN A 40 -3.98 1.06 -9.03
C ASN A 40 -3.90 1.84 -8.21
N PRO A 41 -2.89 1.57 -8.45
N PRO A 41 -2.64 1.93 -7.78
CA PRO A 41 -1.69 0.75 -8.41
CA PRO A 41 -1.72 0.84 -8.14
C PRO A 41 -1.85 -0.33 -7.36
C PRO A 41 -2.04 -0.42 -7.35
N SER A 42 -1.42 -1.52 -7.72
CA SER A 42 -1.40 -2.67 -6.84
C SER A 42 -0.59 -2.35 -5.59
N LEU A 43 -0.74 -3.15 -4.53
CA LEU A 43 0.07 -3.04 -3.34
C LEU A 43 1.53 -3.18 -3.73
N GLN A 44 1.86 -4.17 -4.57
CA GLN A 44 3.27 -4.32 -4.92
C GLN A 44 3.83 -3.09 -5.62
N LEU A 45 3.06 -2.50 -6.55
CA LEU A 45 3.61 -1.35 -7.27
C LEU A 45 3.76 -0.17 -6.32
N ALA A 46 2.78 -0.03 -5.42
CA ALA A 46 2.84 1.06 -4.47
C ALA A 46 4.08 0.91 -3.58
N LEU A 47 4.40 -0.31 -3.15
CA LEU A 47 5.58 -0.60 -2.36
C LEU A 47 6.86 -0.33 -3.13
N LYS A 48 6.88 -0.69 -4.42
CA LYS A 48 8.04 -0.34 -5.24
C LYS A 48 8.25 1.16 -5.41
N ILE A 49 7.17 1.89 -5.62
CA ILE A 49 7.25 3.35 -5.72
C ILE A 49 7.82 3.94 -4.42
N ALA A 50 7.29 3.54 -3.27
CA ALA A 50 7.75 4.06 -1.99
C ALA A 50 9.20 3.66 -1.80
N TYR A 51 9.58 2.44 -2.16
CA TYR A 51 10.96 2.01 -2.02
C TYR A 51 11.93 2.93 -2.76
N TYR A 52 11.67 3.15 -4.05
CA TYR A 52 12.63 3.94 -4.82
C TYR A 52 12.51 5.44 -4.61
N LEU A 53 11.31 5.96 -4.35
CA LEU A 53 11.19 7.37 -4.02
C LEU A 53 11.70 7.65 -2.62
N ASN A 54 11.95 6.62 -1.84
CA ASN A 54 12.53 6.78 -0.52
C ASN A 54 11.74 7.75 0.35
N CYS A 55 10.43 7.55 0.35
N CYS A 55 10.47 7.37 0.40
CA CYS A 55 9.45 8.23 1.20
CA CYS A 55 9.44 8.07 1.12
C CYS A 55 8.55 7.17 1.83
C CYS A 55 8.55 7.08 1.84
N PRO A 56 8.08 7.32 3.05
CA PRO A 56 7.07 6.40 3.63
C PRO A 56 5.91 6.30 2.66
N LEU A 57 5.42 5.10 2.46
CA LEU A 57 4.35 4.92 1.49
C LEU A 57 3.17 5.83 1.78
N GLU A 58 2.85 6.10 3.03
CA GLU A 58 1.73 6.97 3.34
C GLU A 58 1.98 8.43 3.05
N ASP A 59 3.19 8.80 2.69
CA ASP A 59 3.36 10.17 2.18
C ASP A 59 2.87 10.28 0.74
N ILE A 60 2.82 9.15 0.07
CA ILE A 60 2.54 9.08 -1.35
C ILE A 60 1.09 8.68 -1.62
N PHE A 61 0.63 7.72 -0.84
CA PHE A 61 -0.73 7.23 -0.98
C PHE A 61 -1.44 7.30 0.38
N GLN A 62 -2.49 8.12 0.42
CA GLN A 62 -3.17 8.35 1.69
C GLN A 62 -4.62 7.90 1.59
N TRP A 63 -4.98 6.88 2.36
CA TRP A 63 -6.39 6.52 2.45
C TRP A 63 -7.11 7.58 3.27
N GLN A 64 -8.29 7.98 2.79
CA GLN A 64 -9.08 8.94 3.54
C GLN A 64 -9.96 8.18 4.50
N PRO A 65 -9.70 8.21 5.80
CA PRO A 65 -10.47 7.30 6.64
C PRO A 65 -11.98 7.50 6.56
N GLU A 66 -12.66 6.36 6.51
N GLU A 66 -12.66 6.36 6.45
CA GLU A 66 -14.09 6.24 6.31
CA GLU A 66 -14.10 6.26 6.39
C GLU A 66 -14.60 4.95 6.96
C GLU A 66 -14.54 4.96 7.08
N MET B 1 6.92 -12.30 -3.22
CA MET B 1 7.93 -11.25 -3.10
C MET B 1 7.49 -10.08 -2.24
N ILE B 2 6.31 -10.20 -1.63
CA ILE B 2 5.93 -9.34 -0.52
C ILE B 2 5.92 -10.15 0.77
N ILE B 3 6.73 -9.76 1.74
CA ILE B 3 6.73 -10.37 3.06
C ILE B 3 5.67 -9.69 3.93
N ASN B 4 4.96 -10.42 4.78
CA ASN B 4 4.08 -9.65 5.65
C ASN B 4 4.19 -10.21 7.07
N ASN B 5 3.97 -9.23 7.93
CA ASN B 5 4.04 -9.42 9.36
C ASN B 5 2.68 -9.20 10.02
N LEU B 6 1.60 -9.35 9.25
CA LEU B 6 0.26 -9.07 9.78
C LEU B 6 -0.07 -9.91 11.00
N LYS B 7 0.16 -11.24 10.92
CA LYS B 7 -0.22 -12.08 12.06
C LYS B 7 0.56 -11.69 13.29
N LEU B 8 1.87 -11.52 13.16
CA LEU B 8 2.74 -11.21 14.29
C LEU B 8 2.30 -9.93 14.99
N ILE B 9 2.01 -8.92 14.16
CA ILE B 9 1.66 -7.62 14.71
C ILE B 9 0.27 -7.67 15.34
N ARG B 10 -0.66 -8.27 14.64
CA ARG B 10 -2.02 -8.38 15.16
C ARG B 10 -1.97 -9.08 16.50
N GLU B 11 -1.21 -10.17 16.52
CA GLU B 11 -1.16 -10.92 17.78
C GLU B 11 -0.44 -10.15 18.85
N LYS B 12 0.61 -9.40 18.52
N LYS B 12 0.61 -9.41 18.52
CA LYS B 12 1.28 -8.61 19.56
CA LYS B 12 1.24 -8.64 19.60
C LYS B 12 0.34 -7.59 20.20
C LYS B 12 0.24 -7.69 20.25
N LYS B 13 -0.61 -7.08 19.43
CA LYS B 13 -1.59 -6.12 19.89
C LYS B 13 -2.84 -6.71 20.50
N LYS B 14 -2.81 -8.03 20.52
CA LYS B 14 -3.91 -8.77 21.12
C LYS B 14 -5.22 -8.31 20.48
N ILE B 15 -5.28 -8.37 19.16
CA ILE B 15 -6.51 -8.11 18.42
C ILE B 15 -6.94 -9.39 17.73
N SER B 16 -8.20 -9.86 17.80
CA SER B 16 -8.35 -11.12 17.07
C SER B 16 -8.63 -10.83 15.60
N GLN B 17 -8.56 -11.94 14.84
CA GLN B 17 -8.89 -11.82 13.43
C GLN B 17 -10.32 -11.31 13.25
N SER B 18 -11.27 -11.83 14.05
N SER B 18 -11.26 -11.75 14.08
CA SER B 18 -12.67 -11.49 13.92
CA SER B 18 -12.64 -11.28 14.02
C SER B 18 -12.90 -9.99 14.19
C SER B 18 -12.76 -9.76 14.16
N GLU B 19 -12.02 -9.43 15.00
N GLU B 19 -12.29 -9.12 15.23
CA GLU B 19 -12.08 -8.05 15.46
CA GLU B 19 -12.35 -7.68 15.35
C GLU B 19 -11.61 -7.10 14.37
C GLU B 19 -11.69 -6.99 14.15
N LEU B 20 -10.49 -7.46 13.76
CA LEU B 20 -9.85 -6.74 12.64
C LEU B 20 -10.75 -6.85 11.40
N ALA B 21 -11.24 -8.07 11.17
CA ALA B 21 -12.12 -8.21 10.01
C ALA B 21 -13.35 -7.32 10.11
N ALA B 22 -13.93 -7.17 11.30
CA ALA B 22 -15.14 -6.35 11.42
C ALA B 22 -14.84 -4.88 11.16
N LEU B 23 -13.68 -4.41 11.62
CA LEU B 23 -13.27 -3.03 11.37
C LEU B 23 -13.10 -2.72 9.89
N LEU B 24 -12.57 -3.74 9.21
CA LEU B 24 -12.26 -3.66 7.81
C LEU B 24 -13.44 -3.98 6.91
N GLU B 25 -14.50 -4.54 7.48
CA GLU B 25 -15.66 -5.04 6.73
C GLU B 25 -15.27 -6.04 5.65
N VAL B 26 -14.41 -6.98 6.03
CA VAL B 26 -14.07 -8.11 5.17
C VAL B 26 -14.29 -9.39 5.97
N SER B 27 -14.33 -10.52 5.28
CA SER B 27 -14.40 -11.81 5.93
C SER B 27 -13.17 -12.11 6.77
N ARG B 28 -13.44 -12.82 7.89
CA ARG B 28 -12.28 -13.26 8.67
C ARG B 28 -11.33 -14.11 7.85
N GLN B 29 -11.84 -14.91 6.95
CA GLN B 29 -11.12 -15.77 6.03
C GLN B 29 -10.18 -14.95 5.16
N THR B 30 -10.58 -13.74 4.82
CA THR B 30 -9.70 -12.92 3.98
C THR B 30 -8.53 -12.40 4.79
N ILE B 31 -8.76 -12.03 6.04
CA ILE B 31 -7.62 -11.68 6.90
C ILE B 31 -6.70 -12.85 7.12
N ASN B 32 -7.31 -14.01 7.35
CA ASN B 32 -6.48 -15.20 7.53
C ASN B 32 -5.67 -15.51 6.29
N GLY B 33 -6.30 -15.41 5.13
CA GLY B 33 -5.61 -15.70 3.88
C GLY B 33 -4.41 -14.78 3.69
N ILE B 34 -4.59 -13.50 3.99
CA ILE B 34 -3.45 -12.56 3.90
C ILE B 34 -2.35 -12.94 4.88
N GLU B 35 -2.72 -13.23 6.12
CA GLU B 35 -1.73 -13.61 7.12
C GLU B 35 -0.90 -14.83 6.76
N LYS B 36 -1.53 -15.74 6.02
CA LYS B 36 -0.91 -16.98 5.62
C LYS B 36 -0.29 -16.89 4.22
N ASN B 37 -0.22 -15.69 3.70
CA ASN B 37 0.49 -15.43 2.45
C ASN B 37 -0.19 -16.05 1.23
N LYS B 38 -1.51 -16.22 1.30
CA LYS B 38 -2.16 -16.88 0.16
C LYS B 38 -2.45 -15.92 -0.99
N TYR B 39 -2.61 -14.66 -0.65
CA TYR B 39 -2.89 -13.62 -1.63
C TYR B 39 -2.60 -12.28 -0.94
N ASN B 40 -2.46 -11.22 -1.72
N ASN B 40 -2.48 -11.24 -1.74
CA ASN B 40 -2.28 -9.92 -1.11
CA ASN B 40 -2.28 -9.87 -1.36
C ASN B 40 -3.53 -9.08 -1.32
C ASN B 40 -3.57 -9.07 -1.34
N PRO B 41 -3.71 -8.16 -0.38
CA PRO B 41 -4.84 -7.24 -0.43
C PRO B 41 -4.58 -6.21 -1.54
N SER B 42 -5.69 -5.57 -1.93
CA SER B 42 -5.50 -4.34 -2.71
C SER B 42 -4.78 -3.30 -1.85
N LEU B 43 -4.31 -2.25 -2.54
CA LEU B 43 -3.65 -1.17 -1.81
C LEU B 43 -4.57 -0.54 -0.76
N GLN B 44 -5.83 -0.31 -1.14
CA GLN B 44 -6.73 0.34 -0.18
C GLN B 44 -6.93 -0.52 1.06
N LEU B 45 -7.15 -1.81 0.96
CA LEU B 45 -7.32 -2.76 2.03
C LEU B 45 -6.01 -2.77 2.83
N ALA B 46 -4.86 -2.78 2.16
CA ALA B 46 -3.61 -2.70 2.91
C ALA B 46 -3.49 -1.44 3.76
N LEU B 47 -3.87 -0.32 3.17
CA LEU B 47 -3.85 0.95 3.91
C LEU B 47 -4.82 0.93 5.08
N LYS B 48 -5.97 0.28 4.92
CA LYS B 48 -6.95 0.18 6.00
C LYS B 48 -6.43 -0.72 7.11
N ILE B 49 -5.73 -1.79 6.73
CA ILE B 49 -5.11 -2.66 7.68
C ILE B 49 -4.06 -1.90 8.49
N ALA B 50 -3.23 -1.10 7.84
CA ALA B 50 -2.24 -0.31 8.56
C ALA B 50 -2.90 0.69 9.49
N TYR B 51 -3.99 1.31 9.04
CA TYR B 51 -4.75 2.27 9.82
C TYR B 51 -5.28 1.62 11.10
N TYR B 52 -5.90 0.45 10.96
CA TYR B 52 -6.55 -0.18 12.12
C TYR B 52 -5.54 -0.85 13.03
N LEU B 53 -4.35 -1.19 12.53
CA LEU B 53 -3.28 -1.67 13.44
C LEU B 53 -2.37 -0.58 13.97
N ASN B 54 -2.54 0.62 13.47
CA ASN B 54 -1.77 1.76 13.96
C ASN B 54 -0.27 1.53 13.80
N CYS B 55 0.09 0.99 12.63
N CYS B 55 0.13 1.04 12.64
CA CYS B 55 1.49 0.82 12.27
CA CYS B 55 1.58 0.99 12.42
C CYS B 55 1.72 1.33 10.86
C CYS B 55 1.80 1.19 10.93
N PRO B 56 2.87 1.86 10.55
CA PRO B 56 3.12 2.18 9.13
C PRO B 56 2.97 0.94 8.26
N LEU B 57 2.45 1.17 7.05
CA LEU B 57 2.16 0.02 6.18
C LEU B 57 3.42 -0.79 5.97
N GLU B 58 4.56 -0.14 5.78
CA GLU B 58 5.75 -0.91 5.41
C GLU B 58 6.26 -1.74 6.58
N ASP B 59 5.68 -1.60 7.77
CA ASP B 59 5.98 -2.48 8.89
C ASP B 59 5.23 -3.79 8.67
N ILE B 60 4.14 -3.76 7.92
CA ILE B 60 3.26 -4.89 7.78
C ILE B 60 3.50 -5.62 6.48
N PHE B 61 3.71 -4.86 5.42
CA PHE B 61 3.96 -5.42 4.10
C PHE B 61 5.27 -4.89 3.57
N GLN B 62 6.17 -5.81 3.25
CA GLN B 62 7.50 -5.43 2.82
C GLN B 62 7.79 -6.05 1.45
N TRP B 63 8.34 -5.22 0.57
CA TRP B 63 8.83 -5.61 -0.72
C TRP B 63 10.30 -5.17 -0.81
N GLN B 64 11.07 -5.99 -1.51
N GLN B 64 11.11 -6.02 -1.44
CA GLN B 64 12.40 -5.48 -1.79
CA GLN B 64 12.50 -5.69 -1.72
C GLN B 64 12.93 -6.18 -3.03
C GLN B 64 12.87 -6.19 -3.12
N PRO B 65 13.68 -5.44 -3.85
CA PRO B 65 14.26 -5.95 -5.09
C PRO B 65 15.38 -6.93 -4.74
O1 MTN C . 7.70 16.88 -0.24
N1 MTN C . 8.34 15.88 -0.01
C1 MTN C . 9.61 15.55 -0.65
C2 MTN C . 10.03 14.31 0.10
C3 MTN C . 9.08 13.94 0.96
C4 MTN C . 9.13 12.72 1.84
S1 MTN C . 10.33 11.56 1.29
C5 MTN C . 7.90 14.87 0.94
C6 MTN C . 6.67 14.14 0.41
C7 MTN C . 7.68 15.46 2.31
C8 MTN C . 9.40 15.15 -2.12
C9 MTN C . 10.62 16.68 -0.58
C1 GOL D . -12.24 -6.56 -1.13
O1 GOL D . -11.09 -6.21 -0.41
C2 GOL D . -12.59 -8.04 -0.98
O2 GOL D . -11.44 -8.78 -1.34
C3 GOL D . -12.98 -8.38 0.45
O3 GOL D . -14.36 -8.35 0.70
O1 MTN E . 6.83 -4.98 16.54
N1 MTN E . 6.14 -3.98 16.40
C1 MTN E . 5.04 -3.66 17.30
C2 MTN E . 4.54 -2.34 16.80
C3 MTN E . 5.22 -1.98 15.72
C4 MTN E . 4.99 -0.74 14.91
S1 MTN E . 3.39 -0.02 15.01
C5 MTN E . 6.28 -2.98 15.36
C6 MTN E . 6.06 -3.55 13.97
C7 MTN E . 7.63 -2.31 15.46
C8 MTN E . 3.96 -4.72 17.17
C9 MTN E . 5.55 -3.60 18.72
#